data_6IDN
#
_entry.id   6IDN
#
_cell.length_a   59.490
_cell.length_b   59.490
_cell.length_c   171.200
_cell.angle_alpha   90.000
_cell.angle_beta   90.000
_cell.angle_gamma   90.000
#
_symmetry.space_group_name_H-M   'P 43 21 2'
#
loop_
_entity.id
_entity.type
_entity.pdbx_description
1 polymer 'ICChI, a glycosylated chitinase'
2 branched alpha-L-fucopyranose-(1-3)-[2-acetamido-2-deoxy-beta-D-glucopyranose-(1-4)]2-acetamido-2-deoxy-beta-D-glucopyranose
3 branched beta-D-xylopyranose-(1-2)-[alpha-D-mannopyranose-(1-3)]beta-D-mannopyranose-(1-4)-2-acetamido-2-deoxy-beta-D-glucopyranose-(1-4)-[alpha-L-fucopyranose-(1-3)]2-acetamido-2-deoxy-beta-D-glucopyranose
4 non-polymer 'CALCIUM ION'
5 water water
#
_entity_poly.entity_id   1
_entity_poly.type   'polypeptide(L)'
_entity_poly.pdbx_seq_one_letter_code
;GEIAIYWGQDGGEGSLRETCDTDDYDIINIGFLTTFGHSTTPILNLTKHCNPATSACKFLSSEISYCKSKGIKVFLSLGG
GTGNYYLSSRDDAASVAQYLWNNFLGGQSESRPLGDESLDGIDFDIEDGSNDYYDTLAEQLWILGGRSGSNVYLAAAPAC
EFPDYYLREAINTSLFDYVWVQFYNNPRCHYLGNATNLLNSWNNDWSTILTDDLFLGLPAAPQAAPGGGFIEADDLISEV
LPTIKATYDYGGVMLWSKYYDDDYSSKIKPDV
;
_entity_poly.pdbx_strand_id   A
#
loop_
_chem_comp.id
_chem_comp.type
_chem_comp.name
_chem_comp.formula
BMA D-saccharide, beta linking beta-D-mannopyranose 'C6 H12 O6'
CA non-polymer 'CALCIUM ION' 'Ca 2'
FUC L-saccharide, alpha linking alpha-L-fucopyranose 'C6 H12 O5'
MAN D-saccharide, alpha linking alpha-D-mannopyranose 'C6 H12 O6'
NAG D-saccharide, beta linking 2-acetamido-2-deoxy-beta-D-glucopyranose 'C8 H15 N O6'
XYP D-saccharide, beta linking beta-D-xylopyranose 'C5 H10 O5'
#
# COMPACT_ATOMS: atom_id res chain seq x y z
N GLY A 1 14.36 -10.12 -0.07
CA GLY A 1 13.25 -9.31 -0.52
C GLY A 1 11.90 -9.80 0.00
N GLU A 2 10.92 -8.91 0.00
CA GLU A 2 9.57 -9.17 0.49
C GLU A 2 8.56 -9.01 -0.63
N ILE A 3 7.38 -9.61 -0.44
CA ILE A 3 6.24 -9.38 -1.31
C ILE A 3 5.13 -8.73 -0.48
N ALA A 4 4.61 -7.62 -0.99
CA ALA A 4 3.42 -6.97 -0.43
C ALA A 4 2.26 -7.19 -1.39
N ILE A 5 1.06 -7.34 -0.85
CA ILE A 5 -0.10 -7.51 -1.71
C ILE A 5 -1.28 -6.74 -1.14
N TYR A 6 -2.16 -6.29 -2.04
CA TYR A 6 -3.41 -5.65 -1.65
C TYR A 6 -4.52 -6.67 -1.47
N TRP A 7 -5.30 -6.48 -0.40
CA TRP A 7 -6.44 -7.33 -0.12
C TRP A 7 -7.60 -6.42 0.28
N GLY A 8 -8.81 -6.86 -0.05
CA GLY A 8 -10.00 -6.15 0.39
C GLY A 8 -11.00 -5.83 -0.71
N GLN A 9 -10.56 -5.77 -1.96
CA GLN A 9 -11.38 -5.20 -3.02
C GLN A 9 -12.04 -6.24 -3.91
N ASP A 10 -12.06 -7.51 -3.50
CA ASP A 10 -12.91 -8.51 -4.15
C ASP A 10 -13.25 -9.59 -3.15
N GLY A 11 -14.54 -9.72 -2.83
CA GLY A 11 -14.99 -10.65 -1.79
C GLY A 11 -14.66 -12.10 -2.07
N GLY A 12 -14.38 -12.46 -3.32
CA GLY A 12 -13.99 -13.81 -3.68
C GLY A 12 -12.51 -14.09 -3.67
N GLU A 13 -11.67 -13.15 -3.24
CA GLU A 13 -10.23 -13.37 -3.26
C GLU A 13 -9.74 -14.21 -2.09
N GLY A 14 -10.64 -14.70 -1.25
CA GLY A 14 -10.23 -15.44 -0.07
C GLY A 14 -10.21 -14.56 1.17
N SER A 15 -10.25 -15.22 2.33
CA SER A 15 -10.20 -14.49 3.59
C SER A 15 -8.80 -13.93 3.82
N LEU A 16 -8.70 -12.99 4.76
CA LEU A 16 -7.39 -12.48 5.12
C LEU A 16 -6.52 -13.59 5.69
N ARG A 17 -7.11 -14.48 6.50
CA ARG A 17 -6.36 -15.61 7.04
C ARG A 17 -5.81 -16.49 5.92
N GLU A 18 -6.65 -16.81 4.93
CA GLU A 18 -6.19 -17.63 3.81
C GLU A 18 -5.10 -16.92 3.02
N THR A 19 -5.25 -15.60 2.86
CA THR A 19 -4.22 -14.82 2.19
C THR A 19 -2.89 -14.94 2.92
N CYS A 20 -2.91 -14.78 4.24
CA CYS A 20 -1.68 -14.92 5.00
C CYS A 20 -1.15 -16.35 4.94
N ASP A 21 -2.05 -17.33 4.93
CA ASP A 21 -1.64 -18.73 4.92
C ASP A 21 -1.04 -19.18 3.58
N THR A 22 -1.04 -18.35 2.53
CA THR A 22 -0.25 -18.69 1.36
C THR A 22 1.23 -18.71 1.66
N ASP A 23 1.65 -18.00 2.71
CA ASP A 23 3.06 -17.83 3.08
C ASP A 23 3.86 -17.17 1.96
N ASP A 24 3.16 -16.53 1.02
CA ASP A 24 3.82 -15.79 -0.06
C ASP A 24 4.03 -14.32 0.27
N TYR A 25 3.31 -13.78 1.25
CA TYR A 25 3.29 -12.34 1.49
C TYR A 25 3.88 -11.98 2.83
N ASP A 26 4.68 -10.92 2.83
CA ASP A 26 5.25 -10.36 4.04
C ASP A 26 4.50 -9.14 4.53
N ILE A 27 3.72 -8.49 3.67
CA ILE A 27 2.94 -7.29 3.97
C ILE A 27 1.60 -7.39 3.27
N ILE A 28 0.52 -7.08 3.98
CA ILE A 28 -0.83 -7.03 3.41
C ILE A 28 -1.31 -5.60 3.52
N ASN A 29 -1.67 -4.99 2.39
CA ASN A 29 -2.33 -3.69 2.39
C ASN A 29 -3.83 -3.91 2.28
N ILE A 30 -4.58 -3.55 3.32
CA ILE A 30 -6.03 -3.68 3.31
C ILE A 30 -6.61 -2.39 2.73
N GLY A 31 -7.23 -2.47 1.56
CA GLY A 31 -7.81 -1.31 0.91
C GLY A 31 -9.32 -1.48 0.82
N PHE A 32 -10.06 -0.37 0.93
CA PHE A 32 -9.57 1.01 1.01
C PHE A 32 -10.40 1.87 1.93
N LEU A 33 -9.78 2.85 2.57
CA LEU A 33 -10.53 3.94 3.20
C LEU A 33 -10.83 4.95 2.09
N THR A 34 -12.08 4.95 1.61
CA THR A 34 -12.43 5.66 0.38
C THR A 34 -13.00 7.05 0.61
N THR A 35 -13.50 7.35 1.81
CA THR A 35 -13.85 8.71 2.20
C THR A 35 -13.09 9.06 3.47
N PHE A 36 -12.39 10.20 3.46
CA PHE A 36 -11.78 10.75 4.66
C PHE A 36 -11.41 12.20 4.39
N GLY A 37 -11.16 12.94 5.46
CA GLY A 37 -10.76 14.33 5.38
C GLY A 37 -11.94 15.27 5.21
N HIS A 38 -11.63 16.56 5.25
CA HIS A 38 -12.59 17.65 5.05
C HIS A 38 -13.87 17.43 5.88
N SER A 39 -13.68 16.99 7.13
CA SER A 39 -14.71 16.89 8.17
C SER A 39 -15.73 15.79 7.89
N THR A 40 -15.41 14.84 7.02
CA THR A 40 -16.29 13.72 6.79
C THR A 40 -16.10 12.65 7.86
N THR A 41 -17.15 11.86 8.05
CA THR A 41 -17.01 10.60 8.74
C THR A 41 -16.37 9.59 7.79
N PRO A 42 -15.17 9.09 8.09
CA PRO A 42 -14.48 8.23 7.11
C PRO A 42 -15.27 6.97 6.82
N ILE A 43 -15.08 6.47 5.60
CA ILE A 43 -15.79 5.30 5.10
C ILE A 43 -14.75 4.27 4.68
N LEU A 44 -14.88 3.05 5.21
CA LEU A 44 -14.02 1.95 4.84
C LEU A 44 -14.78 1.00 3.94
N ASN A 45 -14.16 0.58 2.83
CA ASN A 45 -14.77 -0.26 1.81
C ASN A 45 -13.96 -1.54 1.72
N LEU A 46 -14.54 -2.65 2.13
CA LEU A 46 -13.92 -3.96 1.95
C LEU A 46 -14.76 -4.81 1.01
N THR A 47 -15.33 -4.14 0.00
CA THR A 47 -16.30 -4.68 -0.96
C THR A 47 -17.21 -5.70 -0.29
N LYS A 48 -17.26 -6.94 -0.80
CA LYS A 48 -18.22 -7.90 -0.27
C LYS A 48 -17.65 -8.79 0.81
N HIS A 49 -16.46 -8.48 1.33
CA HIS A 49 -15.93 -9.24 2.47
C HIS A 49 -16.81 -9.09 3.70
N CYS A 50 -17.10 -7.84 4.06
CA CYS A 50 -17.91 -7.50 5.23
C CYS A 50 -18.20 -6.00 5.16
N ASN A 51 -19.24 -5.59 5.88
CA ASN A 51 -19.66 -4.20 5.92
C ASN A 51 -19.09 -3.54 7.16
N PRO A 52 -18.12 -2.61 7.03
CA PRO A 52 -17.60 -1.95 8.24
C PRO A 52 -18.61 -1.04 8.91
N ALA A 53 -19.44 -0.34 8.13
CA ALA A 53 -20.32 0.68 8.70
C ALA A 53 -21.37 0.08 9.63
N THR A 54 -21.69 -1.21 9.49
CA THR A 54 -22.65 -1.87 10.36
C THR A 54 -22.00 -2.85 11.32
N SER A 55 -20.71 -2.64 11.63
CA SER A 55 -19.99 -3.35 12.69
C SER A 55 -19.82 -4.84 12.43
N ALA A 56 -19.92 -5.27 11.18
CA ALA A 56 -19.77 -6.68 10.81
C ALA A 56 -18.36 -7.04 10.37
N CYS A 57 -17.37 -6.17 10.61
CA CYS A 57 -16.00 -6.49 10.27
C CYS A 57 -15.11 -6.69 11.48
N LYS A 58 -15.66 -6.64 12.69
CA LYS A 58 -14.82 -6.74 13.88
C LYS A 58 -14.16 -8.10 13.99
N PHE A 59 -14.73 -9.13 13.36
CA PHE A 59 -14.11 -10.45 13.34
C PHE A 59 -12.71 -10.43 12.75
N LEU A 60 -12.39 -9.42 11.94
CA LEU A 60 -11.09 -9.41 11.27
C LEU A 60 -9.93 -9.31 12.26
N SER A 61 -10.20 -8.78 13.45
CA SER A 61 -9.20 -8.68 14.50
C SER A 61 -8.44 -9.99 14.68
N SER A 62 -9.17 -11.10 14.78
CA SER A 62 -8.53 -12.39 15.01
C SER A 62 -7.65 -12.79 13.84
N GLU A 63 -8.06 -12.46 12.61
CA GLU A 63 -7.26 -12.82 11.44
C GLU A 63 -6.06 -11.91 11.30
N ILE A 64 -6.22 -10.62 11.61
CA ILE A 64 -5.08 -9.70 11.66
C ILE A 64 -4.07 -10.19 12.69
N SER A 65 -4.55 -10.52 13.89
CA SER A 65 -3.65 -11.03 14.92
C SER A 65 -2.92 -12.28 14.44
N TYR A 66 -3.62 -13.17 13.74
CA TYR A 66 -3.01 -14.39 13.24
C TYR A 66 -1.95 -14.07 12.19
N CYS A 67 -2.27 -13.18 11.25
CA CYS A 67 -1.28 -12.75 10.26
C CYS A 67 -0.05 -12.19 10.94
N LYS A 68 -0.24 -11.33 11.93
CA LYS A 68 0.91 -10.73 12.62
C LYS A 68 1.72 -11.78 13.38
N SER A 69 1.05 -12.81 13.92
CA SER A 69 1.78 -13.88 14.60
C SER A 69 2.74 -14.60 13.67
N LYS A 70 2.52 -14.52 12.35
CA LYS A 70 3.42 -15.13 11.39
C LYS A 70 4.49 -14.16 10.89
N GLY A 71 4.62 -13.00 11.51
CA GLY A 71 5.57 -12.00 11.07
C GLY A 71 5.12 -11.16 9.91
N ILE A 72 3.85 -11.21 9.54
CA ILE A 72 3.33 -10.43 8.42
C ILE A 72 2.85 -9.08 8.96
N LYS A 73 3.25 -7.99 8.30
CA LYS A 73 2.73 -6.68 8.65
C LYS A 73 1.44 -6.42 7.90
N VAL A 74 0.52 -5.71 8.55
CA VAL A 74 -0.80 -5.44 7.99
C VAL A 74 -1.02 -3.94 8.04
N PHE A 75 -1.21 -3.31 6.87
CA PHE A 75 -1.45 -1.88 6.78
C PHE A 75 -2.89 -1.61 6.34
N LEU A 76 -3.41 -0.43 6.73
CA LEU A 76 -4.62 0.11 6.13
C LEU A 76 -4.25 1.05 4.99
N SER A 77 -4.85 0.84 3.83
N SER A 77 -4.86 0.83 3.83
CA SER A 77 -4.56 1.65 2.64
CA SER A 77 -4.60 1.65 2.66
C SER A 77 -5.60 2.75 2.48
C SER A 77 -5.62 2.76 2.54
N LEU A 78 -5.13 4.00 2.44
CA LEU A 78 -5.96 5.16 2.16
C LEU A 78 -6.17 5.36 0.67
N GLY A 79 -7.42 5.57 0.27
CA GLY A 79 -7.66 6.14 -1.04
C GLY A 79 -8.12 5.15 -2.08
N GLY A 80 -7.28 4.89 -3.08
CA GLY A 80 -7.65 4.02 -4.17
C GLY A 80 -8.27 4.78 -5.32
N GLY A 81 -8.72 4.01 -6.30
CA GLY A 81 -9.10 4.61 -7.57
C GLY A 81 -10.41 5.39 -7.52
N THR A 82 -11.31 5.03 -6.62
CA THR A 82 -12.65 5.64 -6.57
C THR A 82 -12.93 6.06 -5.14
N GLY A 83 -13.16 7.34 -4.93
CA GLY A 83 -13.43 7.74 -3.56
C GLY A 83 -13.80 9.21 -3.45
N ASN A 84 -14.14 9.58 -2.22
CA ASN A 84 -14.40 10.96 -1.83
C ASN A 84 -13.40 11.32 -0.74
N TYR A 85 -12.14 11.51 -1.12
CA TYR A 85 -11.13 11.80 -0.11
C TYR A 85 -10.24 12.94 -0.56
N TYR A 86 -9.86 13.77 0.41
CA TYR A 86 -8.89 14.85 0.29
C TYR A 86 -8.82 15.56 1.64
N LEU A 87 -7.70 16.24 1.87
CA LEU A 87 -7.45 16.95 3.11
C LEU A 87 -7.59 18.44 2.87
N SER A 88 -8.20 19.15 3.80
CA SER A 88 -8.51 20.55 3.57
C SER A 88 -7.56 21.54 4.24
N SER A 89 -6.69 21.09 5.15
CA SER A 89 -5.84 22.00 5.93
C SER A 89 -4.85 21.17 6.73
N ARG A 90 -3.87 21.86 7.34
CA ARG A 90 -2.96 21.17 8.24
C ARG A 90 -3.70 20.57 9.43
N ASP A 91 -4.67 21.32 9.98
N ASP A 91 -4.67 21.32 9.98
CA ASP A 91 -5.44 20.82 11.10
CA ASP A 91 -5.44 20.81 11.10
C ASP A 91 -6.29 19.61 10.70
C ASP A 91 -6.27 19.59 10.69
N ASP A 92 -6.80 19.61 9.47
CA ASP A 92 -7.56 18.46 8.98
C ASP A 92 -6.66 17.25 8.89
N ALA A 93 -5.43 17.44 8.43
CA ALA A 93 -4.48 16.34 8.38
C ALA A 93 -4.23 15.79 9.77
N ALA A 94 -4.09 16.66 10.78
CA ALA A 94 -3.87 16.14 12.13
C ALA A 94 -5.09 15.38 12.65
N SER A 95 -6.30 15.85 12.29
CA SER A 95 -7.52 15.19 12.75
C SER A 95 -7.66 13.80 12.14
N VAL A 96 -7.29 13.66 10.86
CA VAL A 96 -7.36 12.35 10.21
C VAL A 96 -6.32 11.40 10.78
N ALA A 97 -5.12 11.92 11.08
CA ALA A 97 -4.09 11.08 11.69
C ALA A 97 -4.59 10.52 13.01
N GLN A 98 -5.24 11.36 13.81
CA GLN A 98 -5.76 10.92 15.10
C GLN A 98 -6.84 9.86 14.91
N TYR A 99 -7.73 10.08 13.93
CA TYR A 99 -8.74 9.10 13.62
C TYR A 99 -8.12 7.77 13.27
N LEU A 100 -7.09 7.79 12.42
CA LEU A 100 -6.45 6.54 12.02
C LEU A 100 -5.80 5.86 13.21
N TRP A 101 -5.11 6.63 14.06
CA TRP A 101 -4.48 6.05 15.24
C TRP A 101 -5.54 5.44 16.15
N ASN A 102 -6.63 6.17 16.39
CA ASN A 102 -7.63 5.72 17.36
C ASN A 102 -8.43 4.53 16.83
N ASN A 103 -8.64 4.45 15.52
CA ASN A 103 -9.58 3.47 14.99
C ASN A 103 -8.90 2.25 14.38
N PHE A 104 -7.66 2.39 13.92
CA PHE A 104 -6.97 1.31 13.21
C PHE A 104 -5.63 0.95 13.83
N LEU A 105 -4.96 1.89 14.49
CA LEU A 105 -3.61 1.68 15.00
C LEU A 105 -3.70 1.40 16.51
N GLY A 106 -2.86 1.98 17.36
CA GLY A 106 -2.84 1.56 18.76
C GLY A 106 -3.72 2.32 19.73
N GLY A 107 -4.61 3.19 19.26
CA GLY A 107 -5.45 3.97 20.13
C GLY A 107 -6.80 3.32 20.37
N GLN A 108 -7.74 4.11 20.89
CA GLN A 108 -9.09 3.66 21.16
C GLN A 108 -10.10 4.63 20.56
N SER A 109 -11.20 4.11 20.05
CA SER A 109 -12.33 4.94 19.63
C SER A 109 -13.60 4.37 20.23
N GLU A 110 -14.73 5.00 19.91
CA GLU A 110 -15.99 4.47 20.40
C GLU A 110 -16.33 3.15 19.72
N SER A 111 -15.76 2.88 18.55
CA SER A 111 -15.97 1.62 17.87
C SER A 111 -14.91 1.47 16.79
N ARG A 112 -14.01 0.49 16.96
CA ARG A 112 -12.97 0.25 15.96
C ARG A 112 -13.49 -0.67 14.88
N PRO A 113 -13.45 -0.26 13.61
CA PRO A 113 -14.13 -1.04 12.55
C PRO A 113 -13.64 -2.47 12.40
N LEU A 114 -12.36 -2.74 12.65
CA LEU A 114 -11.81 -4.08 12.49
C LEU A 114 -11.47 -4.74 13.82
N GLY A 115 -12.07 -4.28 14.91
CA GLY A 115 -11.82 -4.87 16.21
C GLY A 115 -10.60 -4.32 16.90
N ASP A 116 -10.18 -5.00 17.97
CA ASP A 116 -9.18 -4.45 18.87
C ASP A 116 -7.74 -4.56 18.37
N GLU A 117 -7.43 -5.50 17.49
CA GLU A 117 -6.04 -5.69 17.08
C GLU A 117 -5.52 -4.49 16.29
N SER A 118 -4.35 -3.98 16.68
CA SER A 118 -3.75 -2.84 15.99
C SER A 118 -3.16 -3.25 14.65
N LEU A 119 -3.38 -2.40 13.65
N LEU A 119 -3.40 -2.43 13.64
CA LEU A 119 -2.67 -2.50 12.39
CA LEU A 119 -2.64 -2.61 12.40
C LEU A 119 -1.24 -1.98 12.56
C LEU A 119 -1.24 -2.02 12.57
N ASP A 120 -0.38 -2.32 11.61
CA ASP A 120 1.03 -1.93 11.69
C ASP A 120 1.33 -0.57 11.08
N GLY A 121 0.45 0.00 10.28
CA GLY A 121 0.75 1.27 9.66
C GLY A 121 -0.27 1.59 8.58
N ILE A 122 0.08 2.60 7.80
CA ILE A 122 -0.83 3.27 6.88
C ILE A 122 -0.17 3.34 5.52
N ASP A 123 -0.87 2.87 4.50
CA ASP A 123 -0.42 2.92 3.11
C ASP A 123 -1.15 4.06 2.41
N PHE A 124 -0.40 4.91 1.71
CA PHE A 124 -0.96 6.10 1.04
C PHE A 124 -1.14 5.77 -0.43
N ASP A 125 -2.33 5.32 -0.81
CA ASP A 125 -2.63 5.00 -2.21
C ASP A 125 -3.48 6.12 -2.82
N ILE A 126 -2.91 7.32 -2.81
CA ILE A 126 -3.61 8.53 -3.21
C ILE A 126 -3.57 8.62 -4.74
N GLU A 127 -4.73 8.44 -5.38
CA GLU A 127 -4.81 8.43 -6.84
CA GLU A 127 -4.83 8.43 -6.83
C GLU A 127 -5.74 9.51 -7.39
N ASP A 128 -6.42 10.27 -6.55
CA ASP A 128 -7.28 11.33 -7.06
C ASP A 128 -7.49 12.34 -5.94
N GLY A 129 -8.12 13.46 -6.32
CA GLY A 129 -8.35 14.54 -5.37
C GLY A 129 -7.13 15.41 -5.17
N SER A 130 -7.29 16.44 -4.35
CA SER A 130 -6.20 17.37 -4.08
C SER A 130 -5.00 16.64 -3.50
N ASN A 131 -3.81 17.07 -3.91
CA ASN A 131 -2.57 16.48 -3.41
C ASN A 131 -2.09 17.09 -2.10
N ASP A 132 -2.77 18.10 -1.58
CA ASP A 132 -2.26 18.89 -0.47
C ASP A 132 -2.36 18.18 0.88
N TYR A 133 -1.36 18.42 1.73
CA TYR A 133 -1.32 18.07 3.16
C TYR A 133 -1.09 16.58 3.45
N TYR A 134 -0.81 15.75 2.45
CA TYR A 134 -0.43 14.37 2.76
C TYR A 134 0.94 14.31 3.41
N ASP A 135 1.81 15.30 3.14
CA ASP A 135 3.04 15.40 3.91
C ASP A 135 2.76 15.62 5.38
N THR A 136 1.81 16.50 5.70
CA THR A 136 1.43 16.76 7.09
C THR A 136 0.80 15.52 7.72
N LEU A 137 -0.06 14.80 6.96
CA LEU A 137 -0.64 13.57 7.50
C LEU A 137 0.44 12.57 7.87
N ALA A 138 1.44 12.38 7.00
CA ALA A 138 2.53 11.45 7.33
C ALA A 138 3.27 11.91 8.57
N GLU A 139 3.55 13.22 8.66
CA GLU A 139 4.27 13.75 9.81
C GLU A 139 3.46 13.58 11.09
N GLN A 140 2.15 13.79 11.04
CA GLN A 140 1.35 13.65 12.25
C GLN A 140 1.22 12.18 12.67
N LEU A 141 1.14 11.26 11.70
CA LEU A 141 1.18 9.83 12.06
C LEU A 141 2.53 9.45 12.69
N TRP A 142 3.62 9.98 12.15
CA TRP A 142 4.94 9.70 12.71
C TRP A 142 5.00 10.14 14.16
N ILE A 143 4.48 11.33 14.47
CA ILE A 143 4.44 11.81 15.84
C ILE A 143 3.60 10.88 16.71
N LEU A 144 2.43 10.46 16.21
CA LEU A 144 1.57 9.59 17.02
C LEU A 144 2.26 8.29 17.37
N GLY A 145 3.03 7.73 16.44
CA GLY A 145 3.81 6.55 16.76
C GLY A 145 4.82 6.83 17.86
N GLY A 146 5.51 7.96 17.76
CA GLY A 146 6.53 8.28 18.76
C GLY A 146 5.93 8.50 20.12
N ARG A 147 4.76 9.16 20.18
N ARG A 147 4.76 9.16 20.17
CA ARG A 147 4.16 9.48 21.47
CA ARG A 147 4.14 9.48 21.45
C ARG A 147 3.77 8.23 22.26
C ARG A 147 3.78 8.23 22.25
N SER A 148 3.34 7.17 21.56
CA SER A 148 2.90 5.98 22.25
C SER A 148 3.94 4.86 22.22
N GLY A 149 5.11 5.10 21.66
CA GLY A 149 6.15 4.09 21.69
C GLY A 149 5.83 2.87 20.85
N SER A 150 5.09 3.06 19.77
CA SER A 150 4.66 2.00 18.88
C SER A 150 5.16 2.26 17.48
N ASN A 151 5.49 1.18 16.77
CA ASN A 151 5.85 1.26 15.36
C ASN A 151 4.61 1.57 14.52
N VAL A 152 4.63 2.71 13.84
CA VAL A 152 3.64 3.06 12.83
C VAL A 152 4.39 3.16 11.52
N TYR A 153 4.27 2.14 10.68
CA TYR A 153 4.93 2.18 9.38
C TYR A 153 4.15 3.05 8.41
N LEU A 154 4.88 3.77 7.56
CA LEU A 154 4.27 4.61 6.54
C LEU A 154 4.68 4.08 5.18
N ALA A 155 3.70 3.84 4.32
CA ALA A 155 3.96 3.32 2.99
C ALA A 155 3.25 4.22 1.98
N ALA A 156 3.83 4.33 0.78
CA ALA A 156 3.24 5.13 -0.30
C ALA A 156 3.21 4.33 -1.59
N ALA A 157 2.19 4.59 -2.41
CA ALA A 157 1.97 3.86 -3.67
C ALA A 157 1.84 4.83 -4.84
N PRO A 158 2.91 5.53 -5.19
CA PRO A 158 2.86 6.41 -6.35
C PRO A 158 2.84 5.63 -7.66
N ALA A 159 2.39 6.29 -8.71
CA ALA A 159 2.55 5.74 -10.05
C ALA A 159 3.96 6.01 -10.54
N CYS A 160 4.36 5.35 -11.64
CA CYS A 160 5.78 5.34 -11.96
C CYS A 160 6.31 6.62 -12.59
N GLU A 161 5.46 7.52 -13.10
CA GLU A 161 5.96 8.74 -13.74
C GLU A 161 6.38 9.71 -12.64
N PHE A 162 7.67 9.98 -12.57
CA PHE A 162 8.28 10.77 -11.50
C PHE A 162 8.39 12.23 -11.92
N PRO A 163 8.04 13.19 -11.05
CA PRO A 163 7.50 13.00 -9.69
C PRO A 163 5.99 12.77 -9.73
N ASP A 164 5.46 12.03 -8.75
CA ASP A 164 4.04 11.74 -8.69
C ASP A 164 3.28 12.95 -8.14
N TYR A 165 2.27 13.38 -8.89
N TYR A 165 2.27 13.42 -8.89
CA TYR A 165 1.52 14.57 -8.51
CA TYR A 165 1.53 14.60 -8.46
C TYR A 165 0.94 14.45 -7.10
C TYR A 165 0.98 14.43 -7.05
N TYR A 166 0.36 13.28 -6.78
CA TYR A 166 -0.39 13.15 -5.53
C TYR A 166 0.53 12.97 -4.35
N LEU A 167 1.65 12.28 -4.54
CA LEU A 167 2.45 11.82 -3.43
C LEU A 167 3.86 12.41 -3.38
N ARG A 168 4.22 13.32 -4.29
CA ARG A 168 5.61 13.79 -4.27
C ARG A 168 5.92 14.48 -2.96
N GLU A 169 4.99 15.27 -2.42
CA GLU A 169 5.26 16.00 -1.18
C GLU A 169 5.35 15.05 0.00
N ALA A 170 4.45 14.06 0.06
CA ALA A 170 4.51 13.10 1.15
C ALA A 170 5.82 12.33 1.10
N ILE A 171 6.19 11.85 -0.08
CA ILE A 171 7.43 11.08 -0.19
C ILE A 171 8.64 11.94 0.15
N ASN A 172 8.60 13.23 -0.17
CA ASN A 172 9.72 14.13 0.10
C ASN A 172 9.91 14.44 1.57
N THR A 173 9.00 13.99 2.44
CA THR A 173 9.22 14.15 3.88
C THR A 173 10.38 13.29 4.37
N SER A 174 10.78 12.29 3.59
CA SER A 174 11.79 11.30 3.94
C SER A 174 11.35 10.38 5.07
N LEU A 175 10.06 10.35 5.39
CA LEU A 175 9.56 9.57 6.51
C LEU A 175 8.93 8.25 6.09
N PHE A 176 8.86 7.94 4.80
CA PHE A 176 8.17 6.70 4.43
C PHE A 176 9.09 5.49 4.56
N ASP A 177 8.58 4.47 5.25
CA ASP A 177 9.30 3.21 5.42
C ASP A 177 9.28 2.39 4.15
N TYR A 178 8.20 2.47 3.39
CA TYR A 178 8.01 1.69 2.17
C TYR A 178 7.48 2.60 1.10
N VAL A 179 7.98 2.44 -0.12
CA VAL A 179 7.37 3.09 -1.29
C VAL A 179 7.32 2.01 -2.37
N TRP A 180 6.11 1.63 -2.81
CA TRP A 180 5.95 0.69 -3.92
C TRP A 180 5.50 1.48 -5.12
N VAL A 181 6.37 1.58 -6.11
CA VAL A 181 6.11 2.37 -7.31
C VAL A 181 5.32 1.52 -8.29
N GLN A 182 4.17 2.03 -8.73
CA GLN A 182 3.26 1.25 -9.57
C GLN A 182 3.71 1.35 -11.02
N PHE A 183 4.35 0.30 -11.50
CA PHE A 183 4.78 0.22 -12.90
C PHE A 183 3.70 -0.50 -13.70
N TYR A 184 2.54 0.16 -13.78
CA TYR A 184 1.42 -0.35 -14.56
C TYR A 184 0.44 0.78 -14.78
N ASN A 185 -0.37 0.61 -15.82
CA ASN A 185 -1.33 1.60 -16.28
C ASN A 185 -0.67 2.93 -16.65
N ASN A 186 0.62 2.90 -17.01
CA ASN A 186 1.27 4.09 -17.57
C ASN A 186 2.33 3.64 -18.57
N PRO A 187 1.96 3.56 -19.85
CA PRO A 187 2.92 3.10 -20.88
C PRO A 187 4.15 3.98 -21.02
N ARG A 188 4.20 5.15 -20.38
CA ARG A 188 5.41 5.96 -20.46
C ARG A 188 6.54 5.35 -19.65
N CYS A 189 6.24 4.57 -18.61
CA CYS A 189 7.29 4.01 -17.78
C CYS A 189 7.17 2.53 -17.46
N HIS A 190 6.05 1.87 -17.78
CA HIS A 190 5.89 0.47 -17.37
C HIS A 190 6.48 -0.46 -18.43
N TYR A 191 6.48 -1.76 -18.15
CA TYR A 191 7.06 -2.72 -19.08
C TYR A 191 6.23 -2.75 -20.36
N LEU A 192 6.88 -2.47 -21.49
CA LEU A 192 6.20 -2.40 -22.78
C LEU A 192 7.26 -2.72 -23.81
N GLY A 193 7.15 -3.89 -24.41
CA GLY A 193 8.17 -4.41 -25.32
C GLY A 193 9.34 -4.98 -24.55
N ASN A 194 9.89 -4.21 -23.63
CA ASN A 194 11.05 -4.58 -22.83
C ASN A 194 11.05 -3.67 -21.62
N ALA A 195 12.09 -3.81 -20.80
CA ALA A 195 12.15 -3.15 -19.50
C ALA A 195 12.97 -1.86 -19.48
N THR A 196 13.36 -1.32 -20.64
N THR A 196 13.35 -1.31 -20.65
CA THR A 196 14.25 -0.16 -20.66
CA THR A 196 14.25 -0.16 -20.64
C THR A 196 13.66 1.03 -19.91
C THR A 196 13.66 1.03 -19.91
N ASN A 197 12.43 1.42 -20.25
CA ASN A 197 11.84 2.59 -19.59
C ASN A 197 11.62 2.34 -18.10
N LEU A 198 11.19 1.12 -17.75
CA LEU A 198 11.00 0.78 -16.35
C LEU A 198 12.29 0.93 -15.57
N LEU A 199 13.37 0.34 -16.09
CA LEU A 199 14.64 0.39 -15.39
C LEU A 199 15.20 1.81 -15.34
N ASN A 200 15.01 2.59 -16.41
CA ASN A 200 15.46 3.99 -16.38
C ASN A 200 14.70 4.78 -15.32
N SER A 201 13.39 4.62 -15.25
CA SER A 201 12.60 5.25 -14.19
C SER A 201 13.11 4.83 -12.82
N TRP A 202 13.25 3.52 -12.60
CA TRP A 202 13.75 3.02 -11.33
C TRP A 202 15.12 3.62 -11.00
N ASN A 203 16.08 3.50 -11.90
CA ASN A 203 17.47 3.84 -11.61
C ASN A 203 17.71 5.35 -11.56
N ASN A 204 17.01 6.11 -12.40
CA ASN A 204 17.31 7.52 -12.53
C ASN A 204 16.43 8.42 -11.70
N ASP A 205 15.19 7.99 -11.44
CA ASP A 205 14.21 8.82 -10.75
C ASP A 205 13.91 8.28 -9.37
N TRP A 206 13.38 7.05 -9.26
CA TRP A 206 12.90 6.58 -7.97
C TRP A 206 14.05 6.26 -7.02
N SER A 207 15.24 5.99 -7.56
N SER A 207 15.25 5.99 -7.55
CA SER A 207 16.42 5.81 -6.73
CA SER A 207 16.42 5.81 -6.70
C SER A 207 16.74 7.06 -5.91
C SER A 207 16.88 7.09 -6.03
N THR A 208 16.25 8.23 -6.31
CA THR A 208 16.62 9.47 -5.64
C THR A 208 15.77 9.77 -4.43
N ILE A 209 14.68 9.04 -4.19
CA ILE A 209 13.87 9.37 -3.03
C ILE A 209 14.49 8.75 -1.78
N LEU A 210 14.17 9.34 -0.63
CA LEU A 210 14.62 8.83 0.66
C LEU A 210 13.52 7.94 1.22
N THR A 211 13.69 6.63 1.07
CA THR A 211 12.83 5.65 1.71
C THR A 211 13.69 4.49 2.12
N ASP A 212 13.29 3.79 3.19
CA ASP A 212 14.12 2.66 3.63
C ASP A 212 13.99 1.46 2.70
N ASP A 213 12.82 1.26 2.10
CA ASP A 213 12.58 0.11 1.23
C ASP A 213 11.81 0.56 0.00
N LEU A 214 12.40 0.34 -1.17
CA LEU A 214 11.80 0.69 -2.45
C LEU A 214 11.35 -0.60 -3.13
N PHE A 215 10.06 -0.68 -3.46
CA PHE A 215 9.45 -1.88 -4.03
C PHE A 215 9.03 -1.60 -5.47
N LEU A 216 9.10 -2.64 -6.28
CA LEU A 216 8.58 -2.62 -7.65
C LEU A 216 7.12 -3.09 -7.62
N GLY A 217 6.18 -2.19 -7.93
CA GLY A 217 4.77 -2.54 -7.91
C GLY A 217 4.30 -3.05 -9.26
N LEU A 218 3.61 -4.17 -9.27
CA LEU A 218 3.24 -4.85 -10.50
C LEU A 218 1.83 -5.39 -10.43
N PRO A 219 1.18 -5.58 -11.57
CA PRO A 219 -0.08 -6.34 -11.57
C PRO A 219 0.20 -7.83 -11.51
N ALA A 220 -0.63 -8.55 -10.76
CA ALA A 220 -0.40 -9.99 -10.61
C ALA A 220 -0.85 -10.79 -11.83
N ALA A 221 -1.63 -10.20 -12.71
CA ALA A 221 -2.11 -10.84 -13.93
C ALA A 221 -2.49 -9.73 -14.90
N PRO A 222 -2.55 -10.04 -16.20
CA PRO A 222 -2.98 -9.00 -17.17
C PRO A 222 -4.31 -8.36 -16.82
N GLN A 223 -5.26 -9.15 -16.30
CA GLN A 223 -6.57 -8.64 -15.94
C GLN A 223 -6.51 -7.63 -14.79
N ALA A 224 -5.46 -7.66 -13.97
CA ALA A 224 -5.34 -6.72 -12.86
C ALA A 224 -5.02 -5.31 -13.33
N ALA A 225 -4.49 -5.15 -14.54
CA ALA A 225 -4.13 -3.83 -15.06
C ALA A 225 -4.39 -3.84 -16.55
N PRO A 226 -5.65 -3.61 -16.95
CA PRO A 226 -5.96 -3.55 -18.38
C PRO A 226 -5.17 -2.50 -19.12
N GLY A 227 -4.71 -1.45 -18.45
CA GLY A 227 -3.90 -0.43 -19.08
C GLY A 227 -2.45 -0.79 -19.30
N GLY A 228 -2.05 -2.00 -18.95
CA GLY A 228 -0.73 -2.51 -19.29
C GLY A 228 0.19 -2.55 -18.08
N GLY A 229 1.30 -3.26 -18.26
CA GLY A 229 2.35 -3.33 -17.26
C GLY A 229 2.66 -4.72 -16.75
N PHE A 230 1.77 -5.70 -16.95
CA PHE A 230 2.06 -7.08 -16.56
C PHE A 230 3.36 -7.55 -17.21
N ILE A 231 4.19 -8.23 -16.42
CA ILE A 231 5.44 -8.85 -16.87
C ILE A 231 5.31 -10.34 -16.62
N GLU A 232 5.44 -11.16 -17.65
CA GLU A 232 5.41 -12.60 -17.45
C GLU A 232 6.50 -12.99 -16.47
N ALA A 233 6.21 -13.98 -15.63
CA ALA A 233 7.07 -14.28 -14.48
C ALA A 233 8.51 -14.54 -14.92
N ASP A 234 8.71 -15.32 -15.97
CA ASP A 234 10.08 -15.66 -16.38
C ASP A 234 10.84 -14.43 -16.86
N ASP A 235 10.15 -13.51 -17.54
CA ASP A 235 10.78 -12.26 -17.96
C ASP A 235 11.14 -11.40 -16.75
N LEU A 236 10.25 -11.33 -15.75
CA LEU A 236 10.58 -10.58 -14.55
C LEU A 236 11.85 -11.13 -13.91
N ILE A 237 11.92 -12.45 -13.79
CA ILE A 237 13.05 -13.09 -13.14
C ILE A 237 14.34 -12.87 -13.92
N SER A 238 14.27 -12.88 -15.25
CA SER A 238 15.49 -12.84 -16.03
C SER A 238 15.89 -11.43 -16.44
N GLU A 239 14.94 -10.51 -16.60
CA GLU A 239 15.24 -9.19 -17.14
C GLU A 239 15.21 -8.07 -16.11
N VAL A 240 14.44 -8.20 -15.02
CA VAL A 240 14.18 -7.05 -14.16
C VAL A 240 14.74 -7.25 -12.76
N LEU A 241 14.33 -8.33 -12.09
CA LEU A 241 14.76 -8.54 -10.70
C LEU A 241 16.28 -8.45 -10.50
N PRO A 242 17.12 -9.10 -11.32
CA PRO A 242 18.57 -9.01 -11.05
C PRO A 242 19.12 -7.60 -11.18
N THR A 243 18.49 -6.75 -11.98
CA THR A 243 18.94 -5.36 -12.13
C THR A 243 18.51 -4.51 -10.94
N ILE A 244 17.22 -4.56 -10.55
CA ILE A 244 16.78 -3.68 -9.47
C ILE A 244 17.31 -4.13 -8.12
N LYS A 245 17.69 -5.40 -7.97
CA LYS A 245 18.27 -5.84 -6.70
C LYS A 245 19.61 -5.17 -6.42
N ALA A 246 20.24 -4.54 -7.41
CA ALA A 246 21.50 -3.86 -7.16
C ALA A 246 21.29 -2.54 -6.42
N THR A 247 20.07 -2.01 -6.43
CA THR A 247 19.75 -0.79 -5.70
C THR A 247 19.79 -1.05 -4.20
N TYR A 248 20.46 -0.15 -3.45
CA TYR A 248 20.79 -0.46 -2.06
C TYR A 248 19.54 -0.68 -1.21
N ASP A 249 18.47 0.08 -1.48
CA ASP A 249 17.26 -0.02 -0.67
C ASP A 249 16.16 -0.80 -1.38
N TYR A 250 16.51 -1.63 -2.37
CA TYR A 250 15.55 -2.57 -2.93
C TYR A 250 14.87 -3.35 -1.82
N GLY A 251 13.55 -3.34 -1.81
CA GLY A 251 12.81 -4.03 -0.78
C GLY A 251 11.99 -5.22 -1.24
N GLY A 252 11.70 -5.29 -2.53
CA GLY A 252 10.91 -6.40 -3.04
C GLY A 252 9.92 -5.99 -4.10
N VAL A 253 8.82 -6.73 -4.19
CA VAL A 253 7.77 -6.54 -5.20
C VAL A 253 6.45 -6.35 -4.48
N MET A 254 5.64 -5.40 -4.96
CA MET A 254 4.26 -5.25 -4.51
C MET A 254 3.34 -5.72 -5.63
N LEU A 255 2.24 -6.36 -5.26
CA LEU A 255 1.34 -6.93 -6.25
C LEU A 255 -0.07 -6.37 -6.06
N TRP A 256 -0.65 -5.89 -7.15
CA TRP A 256 -2.07 -5.62 -7.25
C TRP A 256 -2.68 -6.76 -8.06
N SER A 257 -3.50 -7.63 -7.45
CA SER A 257 -3.95 -7.68 -6.05
C SER A 257 -4.16 -9.16 -5.71
N LYS A 258 -4.61 -9.48 -4.49
CA LYS A 258 -4.80 -10.87 -4.12
C LYS A 258 -5.77 -11.58 -5.06
N TYR A 259 -6.81 -10.87 -5.51
CA TYR A 259 -7.82 -11.50 -6.35
C TYR A 259 -7.24 -12.05 -7.65
N TYR A 260 -6.18 -11.41 -8.16
CA TYR A 260 -5.58 -11.77 -9.44
C TYR A 260 -4.32 -12.63 -9.29
N ASP A 261 -3.91 -12.94 -8.07
CA ASP A 261 -2.67 -13.66 -7.81
C ASP A 261 -2.97 -15.14 -7.59
N ASP A 262 -3.25 -15.83 -8.70
CA ASP A 262 -3.46 -17.27 -8.62
CA ASP A 262 -3.46 -17.28 -8.63
C ASP A 262 -2.15 -18.01 -8.42
N ASP A 263 -1.13 -17.65 -9.20
CA ASP A 263 0.18 -18.29 -9.04
C ASP A 263 1.36 -17.36 -9.35
N TYR A 264 1.14 -16.05 -9.48
CA TYR A 264 2.24 -15.17 -9.83
C TYR A 264 3.26 -15.10 -8.70
N SER A 265 2.81 -14.81 -7.47
CA SER A 265 3.76 -14.71 -6.37
C SER A 265 4.44 -16.04 -6.09
N SER A 266 3.74 -17.15 -6.28
N SER A 266 3.73 -17.16 -6.28
CA SER A 266 4.39 -18.45 -6.07
CA SER A 266 4.36 -18.45 -6.09
C SER A 266 5.46 -18.71 -7.13
C SER A 266 5.49 -18.65 -7.11
N LYS A 267 5.30 -18.14 -8.32
CA LYS A 267 6.31 -18.32 -9.37
C LYS A 267 7.53 -17.42 -9.14
N ILE A 268 7.35 -16.25 -8.53
CA ILE A 268 8.45 -15.29 -8.43
C ILE A 268 9.11 -15.26 -7.05
N LYS A 269 8.45 -15.77 -6.01
CA LYS A 269 8.95 -15.55 -4.66
C LYS A 269 10.41 -15.96 -4.44
N PRO A 270 10.87 -17.13 -4.91
CA PRO A 270 12.28 -17.48 -4.66
C PRO A 270 13.27 -16.47 -5.21
N ASP A 271 12.90 -15.73 -6.26
CA ASP A 271 13.80 -14.76 -6.87
C ASP A 271 13.58 -13.34 -6.39
N VAL A 272 12.58 -13.11 -5.55
CA VAL A 272 12.32 -11.76 -5.04
C VAL A 272 13.30 -11.45 -3.92
C1 NAG B . -17.08 -0.17 -2.44
C2 NAG B . -18.45 0.46 -2.59
C3 NAG B . -19.17 -0.09 -3.83
C4 NAG B . -18.27 0.09 -5.06
C5 NAG B . -16.91 -0.56 -4.79
C6 NAG B . -15.93 -0.36 -5.92
C7 NAG B . -19.68 1.26 -0.62
C8 NAG B . -20.50 0.87 0.57
N2 NAG B . -19.25 0.26 -1.39
O3 NAG B . -20.38 0.62 -4.02
O4 NAG B . -18.86 -0.50 -6.20
O5 NAG B . -16.32 0.04 -3.63
O6 NAG B . -15.65 1.02 -6.13
O7 NAG B . -19.43 2.44 -0.87
C1 FUC B . -21.52 -0.11 -3.51
C2 FUC B . -22.71 0.87 -3.45
C3 FUC B . -23.15 1.25 -4.86
C4 FUC B . -23.48 -0.01 -5.63
C5 FUC B . -22.24 -0.90 -5.65
C6 FUC B . -22.44 -2.22 -6.38
O2 FUC B . -22.44 2.05 -2.67
O3 FUC B . -24.33 2.06 -4.82
O4 FUC B . -24.55 -0.70 -4.98
O5 FUC B . -21.81 -1.23 -4.31
C1 NAG B . -19.00 0.46 -7.26
C2 NAG B . -19.40 -0.30 -8.54
C3 NAG B . -19.71 0.66 -9.68
C4 NAG B . -20.70 1.74 -9.23
C5 NAG B . -20.16 2.43 -7.99
C6 NAG B . -21.09 3.48 -7.45
C7 NAG B . -18.34 -2.52 -8.62
C8 NAG B . -17.16 -3.32 -9.11
N2 NAG B . -18.35 -1.22 -8.93
O3 NAG B . -20.27 -0.07 -10.77
O4 NAG B . -20.90 2.69 -10.27
O5 NAG B . -19.98 1.44 -6.96
O6 NAG B . -20.45 4.26 -6.45
O7 NAG B . -19.25 -3.04 -7.98
C1 NAG C . 11.77 17.96 -2.32
C2 NAG C . 11.62 18.31 -3.80
C3 NAG C . 12.77 19.22 -4.25
C4 NAG C . 12.87 20.42 -3.31
C5 NAG C . 12.98 19.96 -1.87
C6 NAG C . 12.99 21.08 -0.86
C7 NAG C . 10.48 16.69 -5.26
C8 NAG C . 10.61 15.41 -6.04
N2 NAG C . 11.57 17.09 -4.60
O3 NAG C . 12.53 19.68 -5.58
O4 NAG C . 14.01 21.20 -3.65
O5 NAG C . 11.85 19.14 -1.56
O6 NAG C . 13.07 20.59 0.47
O7 NAG C . 9.45 17.35 -5.27
C1 FUC C . 13.29 18.88 -6.52
C2 FUC C . 12.79 19.24 -7.93
C3 FUC C . 13.18 20.67 -8.30
C4 FUC C . 14.70 20.86 -8.16
C5 FUC C . 15.15 20.45 -6.76
C6 FUC C . 16.67 20.41 -6.61
O2 FUC C . 11.39 19.06 -8.04
O3 FUC C . 12.85 20.92 -9.66
O4 FUC C . 15.36 20.04 -9.12
O5 FUC C . 14.69 19.11 -6.42
C1 NAG C . 13.69 22.60 -3.74
C2 NAG C . 15.03 23.37 -3.79
C3 NAG C . 14.81 24.87 -4.07
C4 NAG C . 13.85 25.07 -5.24
C5 NAG C . 12.58 24.27 -5.02
C6 NAG C . 11.58 24.40 -6.16
C7 NAG C . 16.90 22.50 -2.43
C8 NAG C . 17.51 22.44 -1.07
N2 NAG C . 15.76 23.20 -2.54
O3 NAG C . 16.06 25.47 -4.36
O4 NAG C . 13.52 26.46 -5.36
O5 NAG C . 12.93 22.89 -4.91
O6 NAG C . 11.59 23.26 -7.00
O7 NAG C . 17.40 21.93 -3.40
C1 NAG D . 12.16 -1.75 -26.28
C2 NAG D . 13.19 -1.75 -27.41
C3 NAG D . 12.99 -0.52 -28.30
C4 NAG D . 11.53 -0.36 -28.72
C5 NAG D . 10.64 -0.42 -27.49
C6 NAG D . 9.16 -0.37 -27.82
C7 NAG D . 15.25 -2.83 -26.65
C8 NAG D . 16.58 -2.64 -25.96
N2 NAG D . 14.51 -1.73 -26.82
O3 NAG D . 13.77 -0.67 -29.48
O4 NAG D . 11.36 0.90 -29.35
O5 NAG D . 10.86 -1.65 -26.82
O6 NAG D . 8.77 -1.43 -28.68
O7 NAG D . 14.89 -3.94 -27.04
C1 NAG D . 10.78 0.73 -30.65
C2 NAG D . 10.53 2.14 -31.18
C3 NAG D . 9.97 2.09 -32.60
C4 NAG D . 10.85 1.23 -33.50
C5 NAG D . 11.08 -0.13 -32.86
C6 NAG D . 12.03 -1.02 -33.64
C7 NAG D . 9.99 3.84 -29.49
C8 NAG D . 8.91 4.44 -28.65
N2 NAG D . 9.62 2.84 -30.30
O3 NAG D . 9.88 3.41 -33.11
O4 NAG D . 10.20 1.04 -34.75
O5 NAG D . 11.63 0.03 -31.56
O6 NAG D . 13.31 -0.41 -33.79
O7 NAG D . 11.15 4.23 -29.44
C1 BMA D . 11.02 1.47 -35.85
C2 BMA D . 10.60 0.66 -37.08
C3 BMA D . 11.27 1.22 -38.33
C4 BMA D . 11.10 2.75 -38.44
C5 BMA D . 11.58 3.40 -37.13
C6 BMA D . 11.41 4.91 -37.11
O2 BMA D . 9.19 0.79 -37.27
O3 BMA D . 10.77 0.60 -39.52
O4 BMA D . 11.84 3.25 -39.54
O5 BMA D . 10.82 2.85 -36.04
O6 BMA D . 10.18 5.24 -37.72
C1 XYP D . 8.42 -0.30 -36.93
C2 XYP D . 6.96 0.01 -36.62
C3 XYP D . 6.19 -1.24 -36.34
C4 XYP D . 6.39 -2.33 -37.36
C5 XYP D . 7.87 -2.56 -37.70
O2 XYP D . 6.92 0.88 -35.48
O3 XYP D . 4.77 -0.89 -36.31
O4 XYP D . 5.87 -3.56 -36.86
O5 XYP D . 8.53 -1.29 -38.04
C1 MAN D . 11.83 -0.09 -40.21
C2 MAN D . 11.33 -0.33 -41.64
C3 MAN D . 10.17 -1.34 -41.60
C4 MAN D . 10.59 -2.64 -40.89
C5 MAN D . 11.12 -2.31 -39.48
C6 MAN D . 11.68 -3.53 -38.75
O2 MAN D . 12.34 -0.93 -42.46
O3 MAN D . 9.66 -1.62 -42.90
O4 MAN D . 9.49 -3.51 -40.79
O5 MAN D . 12.17 -1.31 -39.56
O6 MAN D . 11.83 -3.19 -37.37
C1 FUC D . 15.11 -0.11 -29.39
C2 FUC D . 15.51 0.15 -30.85
C3 FUC D . 14.88 1.42 -31.40
C4 FUC D . 15.19 2.59 -30.48
C5 FUC D . 14.61 2.29 -29.11
C6 FUC D . 14.87 3.39 -28.08
O2 FUC D . 15.13 -0.95 -31.68
O3 FUC D . 15.40 1.74 -32.68
O4 FUC D . 16.59 2.75 -30.37
O5 FUC D . 15.17 1.06 -28.57
CA CA E . 9.31 -11.55 -23.25
CA CA F . -8.48 -1.46 22.23
#